data_2CW2
#
_entry.id   2CW2
#
_cell.length_a   53.813
_cell.length_b   62.451
_cell.length_c   57.354
_cell.angle_alpha   90.00
_cell.angle_beta   95.54
_cell.angle_gamma   90.00
#
_symmetry.space_group_name_H-M   'P 1 21 1'
#
loop_
_entity.id
_entity.type
_entity.pdbx_description
1 polymer 'superoxide dismutase 1'
2 non-polymer 'FE (III) ION'
3 water water
#
_entity_poly.entity_id   1
_entity_poly.type   'polypeptide(L)'
_entity_poly.pdbx_seq_one_letter_code
;MLSVAGHRFASLATTPVLRMGLARCFSSVTGPFQCPPLPYVKNALEPHMSAETLTYHHDKHHQTYVDTLNSIAAENSTIA
SKTLEQIIKTETGKPFNQAAQVYNHTFFFNNLAPNGGGEPTGKIAELITRDFGSFEKFKEDFSAAAVGHFGSGWVWLIAD
DGKLKIVQGHDAGNPIRESKTPLMNIDVWEHAYYIDYRNARAQYVKNYWNLVNWDFVNDNVAKAGI
;
_entity_poly.pdbx_strand_id   A,B
#
loop_
_chem_comp.id
_chem_comp.type
_chem_comp.name
_chem_comp.formula
FE non-polymer 'FE (III) ION' 'Fe 3'
#
# COMPACT_ATOMS: atom_id res chain seq x y z
N SER A 28 -17.83 -26.34 5.29
CA SER A 28 -18.99 -25.59 5.88
C SER A 28 -18.75 -25.24 7.35
N VAL A 29 -17.89 -26.00 8.00
CA VAL A 29 -17.33 -25.64 9.31
C VAL A 29 -15.94 -25.11 9.00
N THR A 30 -15.81 -23.80 8.78
CA THR A 30 -14.48 -23.23 8.57
C THR A 30 -13.98 -22.52 9.81
N GLY A 31 -12.67 -22.49 9.96
CA GLY A 31 -12.05 -22.06 11.19
C GLY A 31 -10.59 -22.50 11.09
N PRO A 32 -9.88 -22.42 12.20
CA PRO A 32 -10.43 -22.01 13.49
C PRO A 32 -10.60 -20.51 13.71
N PHE A 33 -9.90 -19.66 12.96
CA PHE A 33 -10.02 -18.22 13.16
C PHE A 33 -11.28 -17.75 12.47
N GLN A 34 -11.92 -16.71 13.01
CA GLN A 34 -13.10 -16.16 12.39
C GLN A 34 -12.96 -14.66 12.20
N CYS A 35 -13.74 -14.15 11.27
CA CYS A 35 -13.77 -12.72 11.00
C CYS A 35 -15.01 -12.17 11.70
N PRO A 36 -14.80 -11.42 12.79
CA PRO A 36 -15.93 -10.89 13.59
C PRO A 36 -16.77 -9.96 12.73
N PRO A 37 -18.08 -9.96 12.94
CA PRO A 37 -18.96 -9.08 12.15
C PRO A 37 -18.74 -7.64 12.54
N LEU A 38 -19.02 -6.75 11.60
CA LEU A 38 -19.02 -5.31 11.86
C LEU A 38 -20.01 -5.03 12.97
N PRO A 39 -19.67 -4.11 13.87
CA PRO A 39 -20.62 -3.72 14.92
C PRO A 39 -21.72 -2.74 14.50
N TYR A 40 -21.88 -2.51 13.20
CA TYR A 40 -22.90 -1.60 12.67
C TYR A 40 -23.25 -2.06 11.25
N VAL A 41 -24.38 -1.58 10.73
CA VAL A 41 -24.81 -1.96 9.39
C VAL A 41 -23.94 -1.19 8.38
N LYS A 42 -24.00 -1.61 7.11
CA LYS A 42 -23.08 -1.10 6.11
C LYS A 42 -23.17 0.39 5.82
N ASN A 43 -24.36 1.00 5.97
CA ASN A 43 -24.48 2.43 5.66
C ASN A 43 -24.32 3.33 6.89
N ALA A 44 -23.90 2.73 8.00
CA ALA A 44 -23.97 3.37 9.30
C ALA A 44 -22.94 4.50 9.49
N LEU A 45 -21.85 4.46 8.71
CA LEU A 45 -20.77 5.44 8.80
C LEU A 45 -20.82 6.52 7.71
N GLU A 46 -21.89 6.52 6.92
CA GLU A 46 -22.04 7.54 5.88
C GLU A 46 -22.34 8.91 6.51
N PRO A 47 -21.88 9.99 5.88
CA PRO A 47 -21.19 9.97 4.59
C PRO A 47 -19.66 9.83 4.66
N HIS A 48 -19.13 9.72 5.87
CA HIS A 48 -17.67 9.67 6.07
C HIS A 48 -17.01 8.43 5.47
N MET A 49 -17.70 7.29 5.55
CA MET A 49 -17.19 6.06 4.96
C MET A 49 -18.38 5.35 4.35
N SER A 50 -18.26 4.94 3.08
CA SER A 50 -19.42 4.42 2.36
C SER A 50 -19.72 2.97 2.70
N ALA A 51 -20.96 2.55 2.40
CA ALA A 51 -21.32 1.14 2.46
C ALA A 51 -20.46 0.30 1.52
N GLU A 52 -20.13 0.84 0.36
CA GLU A 52 -19.31 0.10 -0.59
C GLU A 52 -17.92 -0.15 0.02
N THR A 53 -17.36 0.86 0.69
CA THR A 53 -16.08 0.69 1.38
C THR A 53 -16.14 -0.39 2.47
N LEU A 54 -17.13 -0.30 3.33
CA LEU A 54 -17.26 -1.32 4.36
C LEU A 54 -17.43 -2.73 3.80
N THR A 55 -18.14 -2.86 2.69
CA THR A 55 -18.35 -4.16 2.08
C THR A 55 -17.04 -4.74 1.56
N TYR A 56 -16.31 -3.98 0.77
CA TYR A 56 -15.05 -4.47 0.25
C TYR A 56 -13.99 -4.65 1.35
N HIS A 57 -13.90 -3.66 2.22
CA HIS A 57 -12.83 -3.65 3.22
C HIS A 57 -13.03 -4.81 4.21
N HIS A 58 -14.26 -4.97 4.68
CA HIS A 58 -14.53 -6.05 5.62
C HIS A 58 -14.79 -7.39 4.92
N ASP A 59 -15.76 -7.42 4.00
CA ASP A 59 -16.21 -8.68 3.41
C ASP A 59 -15.23 -9.27 2.41
N LYS A 60 -14.39 -8.43 1.80
CA LYS A 60 -13.34 -8.96 0.93
C LYS A 60 -11.95 -9.02 1.63
N HIS A 61 -11.39 -7.85 1.96
CA HIS A 61 -10.02 -7.80 2.46
C HIS A 61 -9.89 -8.52 3.80
N HIS A 62 -10.67 -8.06 4.78
CA HIS A 62 -10.62 -8.60 6.13
C HIS A 62 -10.91 -10.11 6.11
N GLN A 63 -12.04 -10.47 5.53
CA GLN A 63 -12.43 -11.87 5.51
C GLN A 63 -11.41 -12.75 4.82
N THR A 64 -10.80 -12.24 3.76
CA THR A 64 -9.81 -13.00 3.02
C THR A 64 -8.56 -13.22 3.83
N TYR A 65 -8.17 -12.23 4.63
CA TYR A 65 -7.01 -12.43 5.49
C TYR A 65 -7.29 -13.61 6.44
N VAL A 66 -8.50 -13.65 6.98
CA VAL A 66 -8.87 -14.72 7.89
C VAL A 66 -8.88 -16.07 7.12
N ASP A 67 -9.48 -16.10 5.94
CA ASP A 67 -9.44 -17.31 5.09
C ASP A 67 -8.03 -17.87 4.86
N THR A 68 -7.11 -16.97 4.49
CA THR A 68 -5.72 -17.37 4.20
C THR A 68 -5.01 -17.88 5.44
N LEU A 69 -5.19 -17.16 6.56
CA LEU A 69 -4.65 -17.60 7.85
C LEU A 69 -5.14 -19.02 8.19
N ASN A 70 -6.42 -19.24 7.96
CA ASN A 70 -7.00 -20.56 8.20
C ASN A 70 -6.36 -21.67 7.33
N SER A 71 -6.05 -21.30 6.09
CA SER A 71 -5.37 -22.20 5.17
C SER A 71 -4.02 -22.62 5.74
N ILE A 72 -3.30 -21.65 6.32
CA ILE A 72 -2.02 -21.94 6.96
C ILE A 72 -2.23 -22.73 8.24
N ALA A 73 -3.24 -22.35 9.02
CA ALA A 73 -3.54 -23.05 10.29
C ALA A 73 -3.82 -24.52 10.05
N ALA A 74 -4.44 -24.84 8.92
CA ALA A 74 -4.78 -26.21 8.57
C ALA A 74 -3.53 -27.08 8.40
N GLU A 75 -2.42 -26.45 8.05
CA GLU A 75 -1.17 -27.18 7.82
C GLU A 75 -0.06 -26.84 8.81
N ASN A 76 -0.40 -26.06 9.82
CA ASN A 76 0.56 -25.64 10.83
C ASN A 76 -0.11 -25.58 12.19
N SER A 77 0.01 -26.67 12.95
CA SER A 77 -0.72 -26.81 14.20
C SER A 77 -0.22 -25.79 15.22
N THR A 78 1.02 -25.34 15.03
CA THR A 78 1.62 -24.31 15.86
C THR A 78 0.90 -22.98 15.66
N ILE A 79 0.73 -22.57 14.41
CA ILE A 79 0.00 -21.34 14.14
C ILE A 79 -1.47 -21.53 14.58
N ALA A 80 -2.27 -22.85 14.39
CA ALA A 80 -3.60 -23.03 14.96
C ALA A 80 -3.66 -22.89 16.48
N SER A 81 -2.57 -23.19 17.18
CA SER A 81 -2.59 -23.16 18.63
C SER A 81 -2.43 -21.76 19.23
N LYS A 82 -2.04 -20.79 18.40
CA LYS A 82 -1.72 -19.45 18.88
C LYS A 82 -2.81 -18.42 18.63
N THR A 83 -2.95 -17.51 19.60
CA THR A 83 -3.87 -16.41 19.49
C THR A 83 -3.26 -15.47 18.46
N LEU A 84 -4.09 -14.63 17.88
CA LEU A 84 -3.60 -13.63 16.93
C LEU A 84 -2.44 -12.86 17.55
N GLU A 85 -2.62 -12.44 18.80
CA GLU A 85 -1.62 -11.68 19.55
C GLU A 85 -0.32 -12.45 19.71
N GLN A 86 -0.40 -13.76 19.92
CA GLN A 86 0.84 -14.56 20.04
C GLN A 86 1.56 -14.65 18.70
N ILE A 87 0.78 -14.74 17.61
CA ILE A 87 1.39 -14.77 16.29
C ILE A 87 2.04 -13.42 15.97
N ILE A 88 1.36 -12.35 16.36
CA ILE A 88 1.91 -11.02 16.19
C ILE A 88 3.26 -10.92 16.92
N LYS A 89 3.35 -11.53 18.10
CA LYS A 89 4.55 -11.40 18.91
C LYS A 89 5.68 -12.31 18.44
N THR A 90 5.32 -13.40 17.78
CA THR A 90 6.18 -14.55 17.66
C THR A 90 6.38 -15.06 16.20
N GLU A 91 5.46 -14.74 15.30
CA GLU A 91 5.65 -15.26 13.95
C GLU A 91 6.39 -14.30 13.01
N THR A 92 6.68 -14.77 11.80
CA THR A 92 7.43 -14.00 10.82
C THR A 92 6.79 -14.22 9.47
N GLY A 93 7.11 -13.34 8.52
CA GLY A 93 6.62 -13.45 7.17
C GLY A 93 5.10 -13.47 7.01
N LYS A 94 4.63 -14.30 6.09
CA LYS A 94 3.21 -14.32 5.72
C LYS A 94 2.24 -14.54 6.91
N PRO A 95 2.47 -15.58 7.73
CA PRO A 95 1.62 -15.83 8.90
C PRO A 95 1.56 -14.62 9.84
N PHE A 96 2.69 -13.97 10.09
CA PHE A 96 2.66 -12.75 10.87
C PHE A 96 1.78 -11.72 10.18
N ASN A 97 2.01 -11.53 8.88
CA ASN A 97 1.31 -10.46 8.16
C ASN A 97 -0.19 -10.71 8.20
N GLN A 98 -0.58 -11.97 8.10
CA GLN A 98 -2.00 -12.28 8.06
C GLN A 98 -2.64 -12.10 9.42
N ALA A 99 -2.02 -12.68 10.46
CA ALA A 99 -2.59 -12.55 11.80
C ALA A 99 -2.68 -11.09 12.23
N ALA A 100 -1.61 -10.34 11.96
CA ALA A 100 -1.54 -8.92 12.26
C ALA A 100 -2.68 -8.18 11.55
N GLN A 101 -2.85 -8.44 10.25
CA GLN A 101 -3.90 -7.77 9.49
C GLN A 101 -5.29 -8.14 9.98
N VAL A 102 -5.49 -9.40 10.41
CA VAL A 102 -6.80 -9.77 10.92
C VAL A 102 -7.09 -8.95 12.19
N TYR A 103 -6.14 -8.92 13.12
CA TYR A 103 -6.28 -8.11 14.34
C TYR A 103 -6.46 -6.61 14.03
N ASN A 104 -5.62 -6.10 13.14
CA ASN A 104 -5.66 -4.69 12.79
C ASN A 104 -7.04 -4.25 12.29
N HIS A 105 -7.66 -5.07 11.45
CA HIS A 105 -8.95 -4.70 10.89
C HIS A 105 -10.07 -4.83 11.93
N THR A 106 -10.06 -5.91 12.72
CA THR A 106 -11.07 -6.04 13.75
C THR A 106 -11.00 -4.83 14.69
N PHE A 107 -9.79 -4.46 15.06
CA PHE A 107 -9.59 -3.33 15.95
C PHE A 107 -10.06 -2.03 15.26
N PHE A 108 -9.69 -1.88 14.00
CA PHE A 108 -10.06 -0.68 13.22
C PHE A 108 -11.59 -0.51 13.16
N PHE A 109 -12.30 -1.56 12.78
CA PHE A 109 -13.75 -1.45 12.62
C PHE A 109 -14.45 -1.24 13.97
N ASN A 110 -13.89 -1.83 15.03
CA ASN A 110 -14.37 -1.57 16.40
C ASN A 110 -14.16 -0.12 16.82
N ASN A 111 -13.14 0.50 16.22
CA ASN A 111 -12.66 1.84 16.55
C ASN A 111 -13.49 2.93 15.89
N LEU A 112 -14.43 2.55 15.03
CA LEU A 112 -15.36 3.47 14.39
C LEU A 112 -16.77 3.23 14.92
N ALA A 113 -17.65 4.22 14.80
CA ALA A 113 -19.02 4.05 15.29
C ALA A 113 -19.94 5.11 14.68
N PRO A 114 -21.19 4.72 14.40
CA PRO A 114 -22.17 5.66 13.83
C PRO A 114 -22.47 6.84 14.76
N ASN A 115 -22.39 6.66 16.07
CA ASN A 115 -22.64 7.80 16.95
C ASN A 115 -21.33 8.26 17.56
N GLY A 116 -20.23 8.02 16.86
CA GLY A 116 -18.92 8.36 17.39
C GLY A 116 -18.50 9.77 16.97
N GLY A 117 -17.19 10.01 16.95
CA GLY A 117 -16.64 11.29 16.52
C GLY A 117 -16.59 12.33 17.62
N GLY A 118 -16.22 13.54 17.22
CA GLY A 118 -16.17 14.64 18.15
C GLY A 118 -15.08 14.53 19.21
N GLU A 119 -15.20 15.39 20.21
CA GLU A 119 -14.19 15.46 21.26
C GLU A 119 -14.33 14.24 22.19
N PRO A 120 -13.22 13.70 22.66
CA PRO A 120 -13.27 12.56 23.57
C PRO A 120 -13.78 12.98 24.96
N THR A 121 -14.40 12.04 25.67
CA THR A 121 -14.76 12.24 27.06
C THR A 121 -14.13 11.12 27.91
N GLY A 122 -14.31 11.18 29.23
CA GLY A 122 -13.84 10.11 30.10
C GLY A 122 -12.33 10.01 30.20
N LYS A 123 -11.82 8.82 30.50
CA LYS A 123 -10.40 8.69 30.76
C LYS A 123 -9.45 9.02 29.59
N ILE A 124 -9.77 8.65 28.36
CA ILE A 124 -8.82 9.01 27.28
C ILE A 124 -8.72 10.50 27.14
N ALA A 125 -9.82 11.20 27.36
CA ALA A 125 -9.78 12.66 27.21
C ALA A 125 -8.76 13.23 28.18
N GLU A 126 -8.79 12.72 29.41
CA GLU A 126 -7.87 13.12 30.45
C GLU A 126 -6.42 12.82 30.06
N LEU A 127 -6.19 11.62 29.53
CA LEU A 127 -4.82 11.17 29.20
C LEU A 127 -4.31 11.92 27.98
N ILE A 128 -5.21 12.22 27.05
CA ILE A 128 -4.83 12.99 25.88
C ILE A 128 -4.35 14.38 26.31
N THR A 129 -5.10 15.00 27.22
CA THR A 129 -4.69 16.28 27.77
C THR A 129 -3.36 16.15 28.47
N ARG A 130 -3.24 15.10 29.28
CA ARG A 130 -2.00 14.91 30.02
C ARG A 130 -0.79 14.82 29.11
N ASP A 131 -0.91 14.07 28.02
CA ASP A 131 0.26 13.70 27.25
C ASP A 131 0.50 14.48 25.96
N PHE A 132 -0.53 15.16 25.47
CA PHE A 132 -0.40 15.97 24.27
C PHE A 132 -0.76 17.41 24.53
N GLY A 133 -1.24 17.68 25.73
CA GLY A 133 -1.58 19.03 26.12
C GLY A 133 -3.04 19.41 25.87
N SER A 134 -3.57 18.97 24.72
CA SER A 134 -4.95 19.24 24.36
C SER A 134 -5.36 18.24 23.29
N PHE A 135 -6.67 18.03 23.17
CA PHE A 135 -7.16 17.20 22.07
C PHE A 135 -6.76 17.80 20.72
N GLU A 136 -6.82 19.12 20.58
CA GLU A 136 -6.48 19.73 19.29
C GLU A 136 -5.05 19.33 18.86
N LYS A 137 -4.12 19.39 19.80
CA LYS A 137 -2.73 19.07 19.47
C LYS A 137 -2.55 17.58 19.17
N PHE A 138 -3.22 16.73 19.95
CA PHE A 138 -3.19 15.31 19.66
C PHE A 138 -3.73 15.05 18.23
N LYS A 139 -4.85 15.70 17.90
CA LYS A 139 -5.47 15.52 16.59
C LYS A 139 -4.52 15.96 15.48
N GLU A 140 -3.83 17.07 15.70
CA GLU A 140 -2.82 17.54 14.73
C GLU A 140 -1.71 16.48 14.51
N ASP A 141 -1.18 15.95 15.60
CA ASP A 141 -0.06 14.99 15.58
C ASP A 141 -0.49 13.72 14.84
N PHE A 142 -1.61 13.17 15.27
CA PHE A 142 -2.10 11.90 14.75
C PHE A 142 -2.43 12.03 13.27
N SER A 143 -3.12 13.12 12.92
CA SER A 143 -3.44 13.37 11.50
C SER A 143 -2.17 13.44 10.65
N ALA A 144 -1.17 14.19 11.14
CA ALA A 144 0.06 14.34 10.37
C ALA A 144 0.79 13.01 10.13
N ALA A 145 0.85 12.18 11.16
CA ALA A 145 1.39 10.82 11.03
C ALA A 145 0.61 10.00 9.97
N ALA A 146 -0.71 10.04 10.04
CA ALA A 146 -1.57 9.31 9.12
C ALA A 146 -1.43 9.85 7.69
N VAL A 147 -1.37 11.17 7.56
CA VAL A 147 -1.25 11.77 6.23
C VAL A 147 0.13 11.50 5.63
N GLY A 148 1.15 11.44 6.48
CA GLY A 148 2.51 11.30 6.01
C GLY A 148 3.03 9.91 5.74
N HIS A 149 2.33 8.88 6.23
CA HIS A 149 2.89 7.52 6.14
C HIS A 149 3.06 7.11 4.68
N PHE A 150 4.27 6.76 4.27
CA PHE A 150 4.49 6.41 2.86
C PHE A 150 4.22 4.93 2.61
N GLY A 151 3.39 4.63 1.61
CA GLY A 151 3.03 3.25 1.31
C GLY A 151 1.89 2.77 2.19
N SER A 152 1.77 1.44 2.34
CA SER A 152 0.67 0.85 3.11
C SER A 152 1.04 0.83 4.59
N GLY A 153 0.07 1.08 5.46
CA GLY A 153 0.36 1.01 6.88
C GLY A 153 -0.78 1.45 7.78
N TRP A 154 -0.43 1.65 9.05
CA TRP A 154 -1.38 1.94 10.13
C TRP A 154 -0.78 3.01 11.01
N VAL A 155 -1.63 3.83 11.63
CA VAL A 155 -1.17 4.71 12.70
C VAL A 155 -1.91 4.30 13.96
N TRP A 156 -1.17 4.18 15.06
CA TRP A 156 -1.73 3.70 16.33
C TRP A 156 -1.55 4.75 17.42
N LEU A 157 -2.55 4.89 18.28
CA LEU A 157 -2.36 5.50 19.58
C LEU A 157 -2.17 4.32 20.51
N ILE A 158 -1.06 4.34 21.23
CA ILE A 158 -0.68 3.26 22.13
C ILE A 158 -0.54 3.77 23.57
N ALA A 159 -0.70 2.88 24.53
CA ALA A 159 -0.23 3.12 25.90
C ALA A 159 1.07 2.33 26.03
N ASP A 160 2.14 3.01 26.35
CA ASP A 160 3.40 2.30 26.39
C ASP A 160 3.61 1.83 27.83
N ASP A 161 4.15 2.65 28.69
CA ASP A 161 4.25 2.10 30.05
C ASP A 161 3.34 3.01 30.84
N GLY A 162 2.06 3.06 30.45
CA GLY A 162 1.12 3.98 31.05
C GLY A 162 1.07 5.34 30.35
N LYS A 163 1.92 5.53 29.35
CA LYS A 163 2.06 6.83 28.65
C LYS A 163 1.51 6.70 27.26
N LEU A 164 0.80 7.73 26.79
CA LEU A 164 0.25 7.73 25.43
C LEU A 164 1.33 8.06 24.44
N LYS A 165 1.33 7.37 23.31
CA LYS A 165 2.27 7.67 22.25
C LYS A 165 1.68 7.29 20.90
N ILE A 166 2.01 8.07 19.88
CA ILE A 166 1.55 7.78 18.53
C ILE A 166 2.65 7.01 17.83
N VAL A 167 2.31 5.84 17.30
CA VAL A 167 3.29 5.04 16.57
C VAL A 167 2.75 4.58 15.25
N GLN A 168 3.65 4.44 14.28
CA GLN A 168 3.24 4.01 12.94
C GLN A 168 3.64 2.55 12.75
N GLY A 169 2.79 1.80 12.05
CA GLY A 169 3.07 0.43 11.72
C GLY A 169 3.08 0.30 10.20
N HIS A 170 4.25 0.11 9.61
CA HIS A 170 4.28 -0.04 8.16
C HIS A 170 3.72 -1.40 7.77
N ASP A 171 2.99 -1.44 6.65
CA ASP A 171 2.32 -2.67 6.19
C ASP A 171 1.36 -3.26 7.25
N ALA A 172 1.72 -4.37 7.88
CA ALA A 172 0.87 -4.94 8.93
C ALA A 172 1.31 -4.57 10.35
N GLY A 173 2.30 -3.67 10.46
CA GLY A 173 2.97 -3.44 11.72
C GLY A 173 2.01 -3.15 12.85
N ASN A 174 2.22 -3.81 13.98
CA ASN A 174 1.28 -3.79 15.11
C ASN A 174 2.09 -3.78 16.42
N PRO A 175 1.88 -2.76 17.24
CA PRO A 175 2.75 -2.53 18.40
C PRO A 175 2.62 -3.60 19.48
N ILE A 176 1.66 -4.52 19.34
CA ILE A 176 1.60 -5.67 20.24
C ILE A 176 2.89 -6.51 20.10
N ARG A 177 3.54 -6.42 18.94
CA ARG A 177 4.77 -7.19 18.73
C ARG A 177 5.83 -6.74 19.76
N GLU A 178 5.81 -5.44 20.06
CA GLU A 178 6.64 -4.89 21.14
C GLU A 178 5.87 -4.95 22.47
N SER A 179 6.24 -4.18 23.48
CA SER A 179 5.51 -4.43 24.73
C SER A 179 4.03 -3.97 24.75
N LYS A 180 3.55 -3.36 23.66
CA LYS A 180 2.61 -2.24 23.80
C LYS A 180 1.11 -2.51 23.68
N THR A 181 0.31 -1.60 24.22
CA THR A 181 -1.14 -1.74 24.24
C THR A 181 -1.85 -0.76 23.32
N PRO A 182 -2.50 -1.27 22.27
CA PRO A 182 -3.22 -0.43 21.30
C PRO A 182 -4.50 0.15 21.86
N LEU A 183 -4.73 1.43 21.58
CA LEU A 183 -5.91 2.11 22.10
C LEU A 183 -6.82 2.58 20.98
N MET A 184 -6.22 3.01 19.86
CA MET A 184 -6.94 3.55 18.72
C MET A 184 -6.07 3.27 17.49
N ASN A 185 -6.69 3.11 16.33
CA ASN A 185 -5.89 3.04 15.10
C ASN A 185 -6.63 3.61 13.91
N ILE A 186 -5.86 3.85 12.84
CA ILE A 186 -6.39 4.17 11.52
C ILE A 186 -5.61 3.45 10.44
N ASP A 187 -6.39 2.90 9.51
CA ASP A 187 -5.85 2.15 8.39
C ASP A 187 -5.55 3.15 7.28
N VAL A 188 -4.29 3.23 6.87
CA VAL A 188 -3.94 4.10 5.74
C VAL A 188 -3.49 3.36 4.49
N TRP A 189 -3.72 2.05 4.47
CA TRP A 189 -3.69 1.34 3.19
C TRP A 189 -4.66 2.00 2.25
N GLU A 190 -4.32 2.06 0.96
CA GLU A 190 -5.18 2.75 0.02
C GLU A 190 -6.61 2.18 -0.04
N HIS A 191 -6.76 0.87 0.11
CA HIS A 191 -8.09 0.25 0.03
C HIS A 191 -9.04 0.81 1.08
N ALA A 192 -8.51 1.39 2.14
CA ALA A 192 -9.37 1.85 3.24
C ALA A 192 -10.16 3.06 2.82
N TYR A 193 -9.63 3.84 1.88
CA TYR A 193 -10.22 5.12 1.52
C TYR A 193 -10.39 5.37 0.02
N TYR A 194 -9.77 4.56 -0.83
CA TYR A 194 -9.73 4.92 -2.26
C TYR A 194 -11.09 5.02 -2.93
N ILE A 195 -12.05 4.20 -2.52
CA ILE A 195 -13.40 4.23 -3.12
C ILE A 195 -14.06 5.57 -2.84
N ASP A 196 -13.83 6.09 -1.64
CA ASP A 196 -14.51 7.28 -1.17
C ASP A 196 -13.77 8.56 -1.42
N TYR A 197 -12.45 8.49 -1.48
CA TYR A 197 -11.61 9.70 -1.45
C TYR A 197 -10.54 9.67 -2.54
N ARG A 198 -10.43 8.56 -3.25
CA ARG A 198 -9.34 8.33 -4.21
C ARG A 198 -8.01 8.67 -3.52
N ASN A 199 -7.21 9.54 -4.13
CA ASN A 199 -5.88 9.81 -3.56
C ASN A 199 -5.87 10.88 -2.45
N ALA A 200 -7.03 11.41 -2.10
CA ALA A 200 -7.12 12.48 -1.10
C ALA A 200 -7.07 11.92 0.34
N ARG A 201 -5.93 11.34 0.70
CA ARG A 201 -5.82 10.74 2.04
C ARG A 201 -6.11 11.75 3.15
N ALA A 202 -5.66 12.99 2.97
CA ALA A 202 -5.92 14.00 4.00
C ALA A 202 -7.42 14.18 4.24
N GLN A 203 -8.24 14.13 3.19
CA GLN A 203 -9.69 14.29 3.37
C GLN A 203 -10.26 13.08 4.12
N TYR A 204 -9.73 11.91 3.83
CA TYR A 204 -10.11 10.68 4.53
C TYR A 204 -9.80 10.79 6.03
N VAL A 205 -8.61 11.29 6.34
CA VAL A 205 -8.15 11.38 7.72
C VAL A 205 -9.01 12.37 8.47
N LYS A 206 -9.30 13.49 7.80
CA LYS A 206 -10.20 14.49 8.36
C LYS A 206 -11.53 13.84 8.78
N ASN A 207 -12.07 12.99 7.91
CA ASN A 207 -13.39 12.37 8.15
C ASN A 207 -13.38 11.27 9.22
N TYR A 208 -12.22 10.66 9.41
CA TYR A 208 -12.04 9.64 10.44
C TYR A 208 -12.37 10.21 11.82
N TRP A 209 -12.08 11.48 12.03
CA TRP A 209 -12.37 12.11 13.32
C TRP A 209 -13.88 12.18 13.58
N ASN A 210 -14.68 12.13 12.53
CA ASN A 210 -16.13 12.10 12.72
C ASN A 210 -16.65 10.72 13.08
N LEU A 211 -15.75 9.72 13.06
CA LEU A 211 -16.16 8.33 13.24
C LEU A 211 -15.63 7.63 14.50
N VAL A 212 -14.66 8.25 15.17
CA VAL A 212 -13.94 7.58 16.27
C VAL A 212 -14.88 7.11 17.39
N ASN A 213 -14.77 5.83 17.76
CA ASN A 213 -15.62 5.21 18.77
C ASN A 213 -14.96 5.40 20.12
N TRP A 214 -15.25 6.50 20.78
CA TRP A 214 -14.52 6.81 22.01
C TRP A 214 -14.88 5.84 23.14
N ASP A 215 -16.04 5.18 23.03
CA ASP A 215 -16.39 4.19 24.02
C ASP A 215 -15.46 2.97 23.95
N PHE A 216 -15.12 2.55 22.74
CA PHE A 216 -14.16 1.46 22.52
C PHE A 216 -12.78 1.87 23.00
N VAL A 217 -12.37 3.09 22.63
CA VAL A 217 -11.08 3.61 23.08
C VAL A 217 -11.02 3.59 24.60
N ASN A 218 -12.07 4.11 25.25
CA ASN A 218 -12.11 4.14 26.70
C ASN A 218 -12.13 2.75 27.36
N ASP A 219 -12.77 1.78 26.71
CA ASP A 219 -12.69 0.40 27.17
C ASP A 219 -11.24 -0.10 27.10
N ASN A 220 -10.51 0.26 26.05
CA ASN A 220 -9.11 -0.17 25.94
C ASN A 220 -8.28 0.44 27.07
N VAL A 221 -8.57 1.71 27.37
CA VAL A 221 -7.91 2.38 28.49
C VAL A 221 -8.15 1.64 29.80
N ALA A 222 -9.43 1.38 30.07
CA ALA A 222 -9.87 0.71 31.30
C ALA A 222 -9.20 -0.65 31.47
N LYS A 223 -9.17 -1.42 30.39
CA LYS A 223 -8.56 -2.76 30.41
C LYS A 223 -7.07 -2.74 30.67
N ALA A 224 -6.38 -1.73 30.13
CA ALA A 224 -4.97 -1.54 30.43
C ALA A 224 -4.87 -0.89 31.81
N GLY A 225 -3.70 -0.88 32.41
CA GLY A 225 -3.68 -0.33 33.77
C GLY A 225 -4.02 1.16 33.98
N ILE A 226 -4.29 1.87 32.90
CA ILE A 226 -3.95 3.28 32.85
C ILE A 226 -5.13 4.27 33.10
N GLY B 31 9.97 23.19 -12.17
CA GLY B 31 11.36 22.69 -12.21
C GLY B 31 11.87 22.54 -10.80
N PRO B 32 13.00 21.85 -10.63
CA PRO B 32 13.76 21.28 -11.74
C PRO B 32 13.11 20.06 -12.36
N PHE B 33 12.32 19.30 -11.60
CA PHE B 33 11.76 18.05 -12.12
C PHE B 33 10.41 18.25 -12.77
N GLN B 34 10.10 17.39 -13.75
CA GLN B 34 8.85 17.54 -14.48
C GLN B 34 8.15 16.20 -14.65
N CYS B 35 6.82 16.26 -14.76
CA CYS B 35 6.02 15.06 -14.90
C CYS B 35 5.71 14.96 -16.38
N PRO B 36 6.28 13.97 -17.06
CA PRO B 36 6.10 13.84 -18.52
C PRO B 36 4.64 13.52 -18.85
N PRO B 37 4.14 13.99 -20.00
CA PRO B 37 2.75 13.70 -20.37
C PRO B 37 2.59 12.19 -20.61
N LEU B 38 1.37 11.67 -20.51
CA LEU B 38 1.12 10.28 -20.81
C LEU B 38 1.46 10.06 -22.30
N PRO B 39 1.94 8.88 -22.68
CA PRO B 39 2.23 8.59 -24.10
C PRO B 39 1.00 8.35 -25.00
N TYR B 40 -0.20 8.41 -24.42
CA TYR B 40 -1.44 8.12 -25.13
C TYR B 40 -2.58 8.85 -24.45
N VAL B 41 -3.73 8.94 -25.13
CA VAL B 41 -4.90 9.58 -24.56
C VAL B 41 -5.46 8.70 -23.47
N LYS B 42 -6.24 9.32 -22.58
CA LYS B 42 -6.72 8.70 -21.35
C LYS B 42 -7.54 7.41 -21.51
N ASN B 43 -8.23 7.26 -22.63
CA ASN B 43 -9.01 6.04 -22.80
C ASN B 43 -8.34 5.00 -23.72
N ALA B 44 -7.09 5.25 -24.09
CA ALA B 44 -6.33 4.38 -25.00
C ALA B 44 -6.14 2.94 -24.48
N LEU B 45 -6.27 2.75 -23.16
CA LEU B 45 -5.93 1.44 -22.58
C LEU B 45 -7.18 0.63 -22.21
N GLU B 46 -8.35 1.19 -22.44
CA GLU B 46 -9.60 0.48 -22.14
C GLU B 46 -9.74 -0.74 -23.04
N PRO B 47 -10.39 -1.80 -22.54
CA PRO B 47 -11.04 -1.82 -21.23
C PRO B 47 -10.14 -2.24 -20.05
N HIS B 48 -8.89 -2.55 -20.34
CA HIS B 48 -7.95 -3.09 -19.34
C HIS B 48 -7.62 -2.11 -18.22
N MET B 49 -7.46 -0.84 -18.59
CA MET B 49 -7.20 0.22 -17.66
C MET B 49 -8.05 1.41 -18.07
N SER B 50 -8.77 2.00 -17.11
CA SER B 50 -9.78 2.99 -17.46
C SER B 50 -9.18 4.38 -17.59
N ALA B 51 -9.88 5.25 -18.32
CA ALA B 51 -9.54 6.66 -18.34
C ALA B 51 -9.46 7.25 -16.92
N GLU B 52 -10.39 6.87 -16.07
CA GLU B 52 -10.42 7.40 -14.70
C GLU B 52 -9.13 6.98 -13.97
N THR B 53 -8.71 5.73 -14.16
CA THR B 53 -7.46 5.31 -13.52
C THR B 53 -6.26 6.10 -14.05
N LEU B 54 -6.20 6.28 -15.37
CA LEU B 54 -5.10 7.03 -15.95
C LEU B 54 -5.07 8.48 -15.45
N THR B 55 -6.25 9.06 -15.24
CA THR B 55 -6.35 10.42 -14.73
C THR B 55 -5.81 10.51 -13.31
N TYR B 56 -6.34 9.68 -12.41
CA TYR B 56 -5.87 9.64 -11.03
C TYR B 56 -4.40 9.22 -10.94
N HIS B 57 -4.03 8.11 -11.55
CA HIS B 57 -2.65 7.63 -11.44
C HIS B 57 -1.66 8.66 -11.96
N HIS B 58 -1.93 9.23 -13.13
CA HIS B 58 -1.01 10.19 -13.73
C HIS B 58 -1.23 11.64 -13.26
N ASP B 59 -2.45 12.16 -13.41
CA ASP B 59 -2.68 13.59 -13.13
C ASP B 59 -2.61 13.91 -11.64
N LYS B 60 -2.89 12.91 -10.80
CA LYS B 60 -2.89 13.13 -9.37
C LYS B 60 -1.63 12.53 -8.73
N HIS B 61 -1.55 11.20 -8.65
CA HIS B 61 -0.35 10.59 -8.02
C HIS B 61 0.97 11.02 -8.62
N HIS B 62 1.14 10.81 -9.93
CA HIS B 62 2.44 11.02 -10.58
C HIS B 62 2.85 12.49 -10.53
N GLN B 63 1.91 13.36 -10.89
CA GLN B 63 2.15 14.79 -10.83
C GLN B 63 2.49 15.26 -9.44
N THR B 64 1.81 14.68 -8.44
CA THR B 64 2.02 15.13 -7.07
C THR B 64 3.39 14.75 -6.54
N TYR B 65 3.87 13.56 -6.90
CA TYR B 65 5.24 13.19 -6.58
C TYR B 65 6.22 14.24 -7.10
N VAL B 66 6.03 14.66 -8.35
CA VAL B 66 6.90 15.66 -8.96
C VAL B 66 6.83 17.00 -8.21
N ASP B 67 5.62 17.43 -7.93
CA ASP B 67 5.39 18.66 -7.17
C ASP B 67 6.08 18.64 -5.82
N THR B 68 5.89 17.56 -5.07
CA THR B 68 6.48 17.45 -3.75
C THR B 68 8.01 17.43 -3.83
N LEU B 69 8.54 16.69 -4.80
CA LEU B 69 9.99 16.67 -4.99
C LEU B 69 10.48 18.08 -5.32
N ASN B 70 9.73 18.78 -6.17
CA ASN B 70 10.08 20.16 -6.47
C ASN B 70 10.07 21.06 -5.23
N SER B 71 9.09 20.87 -4.34
CA SER B 71 9.08 21.64 -3.09
C SER B 71 10.28 21.34 -2.19
N ILE B 72 10.68 20.07 -2.10
CA ILE B 72 11.90 19.73 -1.38
C ILE B 72 13.13 20.33 -2.08
N ALA B 73 13.15 20.27 -3.41
CA ALA B 73 14.28 20.84 -4.14
C ALA B 73 14.45 22.34 -3.86
N ALA B 74 13.33 23.05 -3.74
CA ALA B 74 13.42 24.49 -3.43
C ALA B 74 14.13 24.76 -2.11
N GLU B 75 14.13 23.77 -1.22
CA GLU B 75 14.72 23.96 0.11
C GLU B 75 16.03 23.20 0.28
N ASN B 76 16.35 22.36 -0.70
CA ASN B 76 17.51 21.47 -0.64
C ASN B 76 18.36 21.51 -1.92
N SER B 77 19.39 22.37 -1.90
CA SER B 77 20.20 22.57 -3.11
C SER B 77 20.87 21.27 -3.61
N THR B 78 21.17 20.33 -2.71
CA THR B 78 21.77 19.07 -3.13
C THR B 78 20.79 18.29 -4.01
N ILE B 79 19.59 18.10 -3.49
CA ILE B 79 18.54 17.40 -4.24
C ILE B 79 18.24 18.14 -5.54
N ALA B 80 18.13 19.46 -5.47
CA ALA B 80 17.86 20.25 -6.68
C ALA B 80 18.99 20.06 -7.72
N SER B 81 20.19 19.71 -7.30
CA SER B 81 21.32 19.58 -8.22
C SER B 81 21.35 18.26 -9.00
N LYS B 82 20.51 17.31 -8.59
CA LYS B 82 20.62 15.92 -9.03
C LYS B 82 19.53 15.54 -10.03
N THR B 83 20.11 14.50 -10.84
CA THR B 83 19.16 13.80 -11.67
C THR B 83 18.27 12.87 -10.83
N LEU B 84 17.10 12.51 -11.36
CA LEU B 84 16.27 11.51 -10.70
C LEU B 84 17.10 10.25 -10.42
N GLU B 85 17.88 9.77 -11.41
CA GLU B 85 18.63 8.52 -11.21
C GLU B 85 19.74 8.65 -10.17
N GLN B 86 20.33 9.83 -10.07
CA GLN B 86 21.30 10.08 -9.02
C GLN B 86 20.67 10.04 -7.66
N ILE B 87 19.44 10.56 -7.54
CA ILE B 87 18.72 10.49 -6.26
C ILE B 87 18.30 9.07 -5.93
N ILE B 88 17.87 8.32 -6.94
CA ILE B 88 17.56 6.90 -6.73
C ILE B 88 18.79 6.12 -6.24
N LYS B 89 19.96 6.42 -6.78
CA LYS B 89 21.16 5.66 -6.45
C LYS B 89 21.77 6.00 -5.09
N THR B 90 21.72 7.27 -4.72
CA THR B 90 22.49 7.81 -3.60
C THR B 90 21.66 8.49 -2.51
N GLU B 91 20.38 8.74 -2.77
CA GLU B 91 19.58 9.51 -1.81
C GLU B 91 18.89 8.65 -0.74
N THR B 92 18.20 9.31 0.20
CA THR B 92 17.62 8.62 1.35
C THR B 92 16.27 9.24 1.71
N GLY B 93 15.51 8.52 2.54
CA GLY B 93 14.30 9.07 3.14
C GLY B 93 13.30 9.56 2.11
N LYS B 94 12.63 10.68 2.41
CA LYS B 94 11.54 11.18 1.58
C LYS B 94 12.01 11.55 0.16
N PRO B 95 13.14 12.24 0.02
CA PRO B 95 13.65 12.58 -1.32
C PRO B 95 13.87 11.33 -2.18
N PHE B 96 14.42 10.27 -1.59
CA PHE B 96 14.55 9.03 -2.36
C PHE B 96 13.17 8.52 -2.82
N ASN B 97 12.23 8.45 -1.89
CA ASN B 97 10.93 7.85 -2.20
C ASN B 97 10.24 8.60 -3.32
N GLN B 98 10.37 9.92 -3.28
CA GLN B 98 9.70 10.73 -4.30
C GLN B 98 10.38 10.62 -5.66
N ALA B 99 11.71 10.71 -5.68
CA ALA B 99 12.45 10.61 -6.94
C ALA B 99 12.23 9.25 -7.61
N ALA B 100 12.28 8.19 -6.80
CA ALA B 100 12.04 6.83 -7.28
C ALA B 100 10.60 6.69 -7.82
N GLN B 101 9.61 7.17 -7.07
CA GLN B 101 8.25 7.13 -7.58
C GLN B 101 8.06 7.93 -8.88
N VAL B 102 8.74 9.08 -9.03
CA VAL B 102 8.63 9.83 -10.28
C VAL B 102 9.10 8.94 -11.45
N TYR B 103 10.31 8.40 -11.32
CA TYR B 103 10.89 7.52 -12.34
C TYR B 103 10.01 6.28 -12.59
N ASN B 104 9.59 5.64 -11.49
CA ASN B 104 8.87 4.40 -11.56
C ASN B 104 7.60 4.57 -12.39
N HIS B 105 6.91 5.70 -12.18
CA HIS B 105 5.66 5.94 -12.88
C HIS B 105 5.89 6.30 -14.35
N THR B 106 6.89 7.12 -14.63
CA THR B 106 7.24 7.40 -16.04
C THR B 106 7.54 6.09 -16.75
N PHE B 107 8.33 5.24 -16.10
CA PHE B 107 8.67 3.94 -16.65
C PHE B 107 7.41 3.08 -16.92
N PHE B 108 6.55 2.98 -15.92
CA PHE B 108 5.35 2.17 -15.98
C PHE B 108 4.40 2.59 -17.13
N PHE B 109 4.10 3.88 -17.21
CA PHE B 109 3.21 4.39 -18.26
C PHE B 109 3.82 4.18 -19.66
N ASN B 110 5.15 4.29 -19.76
CA ASN B 110 5.85 3.93 -20.99
C ASN B 110 5.79 2.41 -21.27
N ASN B 111 5.64 1.60 -20.21
CA ASN B 111 5.61 0.12 -20.28
C ASN B 111 4.27 -0.39 -20.79
N LEU B 112 3.31 0.52 -20.96
CA LEU B 112 1.98 0.19 -21.45
C LEU B 112 1.77 0.85 -22.80
N ALA B 113 0.98 0.19 -23.65
CA ALA B 113 0.61 0.78 -24.93
C ALA B 113 -0.74 0.26 -25.42
N PRO B 114 -1.49 1.11 -26.12
CA PRO B 114 -2.66 0.62 -26.86
C PRO B 114 -2.07 -0.13 -28.03
N ASN B 115 -2.52 -1.34 -28.33
CA ASN B 115 -1.78 -2.10 -29.36
C ASN B 115 -0.44 -2.67 -28.85
N GLY B 116 -0.32 -2.77 -27.53
CA GLY B 116 0.70 -3.58 -26.91
C GLY B 116 0.15 -4.97 -26.68
N GLY B 117 0.71 -5.68 -25.70
CA GLY B 117 0.27 -7.02 -25.38
C GLY B 117 0.79 -8.11 -26.29
N GLY B 118 0.28 -9.32 -26.08
CA GLY B 118 0.66 -10.48 -26.84
C GLY B 118 2.05 -10.97 -26.50
N GLU B 119 2.57 -11.85 -27.37
CA GLU B 119 3.89 -12.42 -27.19
C GLU B 119 4.96 -11.43 -27.62
N PRO B 120 6.06 -11.38 -26.85
CA PRO B 120 7.19 -10.53 -27.20
C PRO B 120 7.86 -11.02 -28.49
N THR B 121 8.52 -10.12 -29.18
CA THR B 121 9.39 -10.49 -30.29
C THR B 121 10.71 -9.80 -30.09
N GLY B 122 11.60 -9.95 -31.06
CA GLY B 122 12.88 -9.28 -30.98
C GLY B 122 13.76 -9.84 -29.89
N LYS B 123 14.73 -9.04 -29.46
CA LYS B 123 15.74 -9.50 -28.52
C LYS B 123 15.13 -9.93 -27.19
N ILE B 124 14.08 -9.25 -26.73
CA ILE B 124 13.52 -9.60 -25.44
C ILE B 124 12.92 -11.00 -25.46
N ALA B 125 12.26 -11.32 -26.57
CA ALA B 125 11.75 -12.68 -26.73
C ALA B 125 12.89 -13.71 -26.63
N GLU B 126 14.02 -13.45 -27.27
CA GLU B 126 15.12 -14.40 -27.21
C GLU B 126 15.66 -14.52 -25.80
N LEU B 127 15.81 -13.38 -25.12
CA LEU B 127 16.37 -13.41 -23.78
C LEU B 127 15.43 -14.07 -22.78
N ILE B 128 14.13 -13.86 -22.95
CA ILE B 128 13.15 -14.49 -22.05
C ILE B 128 13.15 -16.03 -22.23
N THR B 129 13.22 -16.50 -23.48
CA THR B 129 13.30 -17.95 -23.73
C THR B 129 14.57 -18.50 -23.09
N ARG B 130 15.64 -17.74 -23.24
CA ARG B 130 16.92 -18.14 -22.69
C ARG B 130 16.88 -18.27 -21.18
N ASP B 131 16.35 -17.24 -20.52
CA ASP B 131 16.52 -17.11 -19.07
C ASP B 131 15.36 -17.66 -18.26
N PHE B 132 14.26 -17.99 -18.92
CA PHE B 132 13.08 -18.51 -18.23
C PHE B 132 12.56 -19.78 -18.88
N GLY B 133 13.14 -20.15 -20.03
CA GLY B 133 12.70 -21.34 -20.76
C GLY B 133 11.65 -21.06 -21.83
N SER B 134 10.62 -20.30 -21.45
CA SER B 134 9.58 -19.85 -22.37
C SER B 134 8.94 -18.57 -21.85
N PHE B 135 8.26 -17.84 -22.74
CA PHE B 135 7.46 -16.67 -22.36
C PHE B 135 6.38 -17.04 -21.37
N GLU B 136 5.76 -18.20 -21.56
CA GLU B 136 4.75 -18.68 -20.62
C GLU B 136 5.30 -18.87 -19.19
N LYS B 137 6.50 -19.43 -19.09
CA LYS B 137 7.13 -19.60 -17.79
C LYS B 137 7.48 -18.23 -17.18
N PHE B 138 7.97 -17.32 -18.01
CA PHE B 138 8.26 -15.97 -17.52
C PHE B 138 6.98 -15.31 -17.01
N LYS B 139 5.91 -15.43 -17.79
CA LYS B 139 4.62 -14.87 -17.43
C LYS B 139 4.15 -15.38 -16.08
N GLU B 140 4.28 -16.69 -15.87
CA GLU B 140 3.93 -17.31 -14.59
C GLU B 140 4.69 -16.70 -13.41
N ASP B 141 6.00 -16.62 -13.55
CA ASP B 141 6.93 -16.12 -12.52
C ASP B 141 6.64 -14.67 -12.18
N PHE B 142 6.50 -13.86 -13.24
CA PHE B 142 6.33 -12.41 -13.06
C PHE B 142 4.96 -12.14 -12.43
N SER B 143 3.96 -12.89 -12.87
CA SER B 143 2.62 -12.74 -12.32
C SER B 143 2.55 -13.11 -10.85
N ALA B 144 3.15 -14.26 -10.50
CA ALA B 144 3.20 -14.71 -9.12
C ALA B 144 3.86 -13.68 -8.22
N ALA B 145 4.94 -13.07 -8.68
CA ALA B 145 5.60 -12.01 -7.91
C ALA B 145 4.64 -10.83 -7.69
N ALA B 146 3.95 -10.42 -8.74
CA ALA B 146 3.08 -9.25 -8.67
C ALA B 146 1.84 -9.51 -7.81
N VAL B 147 1.24 -10.70 -7.96
CA VAL B 147 0.09 -11.04 -7.12
C VAL B 147 0.49 -11.27 -5.67
N GLY B 148 1.71 -11.77 -5.47
CA GLY B 148 2.23 -12.10 -4.16
C GLY B 148 2.72 -10.95 -3.30
N HIS B 149 2.99 -9.79 -3.90
CA HIS B 149 3.68 -8.73 -3.15
C HIS B 149 2.80 -8.11 -2.08
N PHE B 150 3.22 -8.21 -0.81
CA PHE B 150 2.38 -7.73 0.28
C PHE B 150 2.62 -6.25 0.52
N GLY B 151 1.56 -5.46 0.56
CA GLY B 151 1.70 -4.02 0.75
C GLY B 151 1.92 -3.32 -0.59
N SER B 152 2.49 -2.12 -0.54
CA SER B 152 2.69 -1.32 -1.74
C SER B 152 4.01 -1.68 -2.40
N GLY B 153 4.04 -1.74 -3.72
CA GLY B 153 5.29 -2.05 -4.38
C GLY B 153 5.23 -2.21 -5.88
N TRP B 154 6.33 -2.75 -6.40
CA TRP B 154 6.63 -2.83 -7.84
C TRP B 154 7.27 -4.17 -8.09
N VAL B 155 7.03 -4.74 -9.28
CA VAL B 155 7.79 -5.88 -9.72
C VAL B 155 8.52 -5.42 -10.98
N TRP B 156 9.81 -5.75 -11.05
CA TRP B 156 10.66 -5.34 -12.16
C TRP B 156 11.21 -6.53 -12.89
N LEU B 157 11.34 -6.42 -14.21
CA LEU B 157 12.27 -7.27 -14.96
C LEU B 157 13.53 -6.45 -15.16
N ILE B 158 14.66 -7.05 -14.83
CA ILE B 158 15.93 -6.38 -14.76
C ILE B 158 16.96 -7.09 -15.65
N ALA B 159 17.97 -6.36 -16.15
CA ALA B 159 19.20 -7.01 -16.62
C ALA B 159 20.26 -6.84 -15.53
N ASP B 160 20.89 -7.96 -15.17
CA ASP B 160 21.97 -7.97 -14.18
C ASP B 160 23.20 -8.64 -14.82
N ASP B 161 24.20 -7.84 -15.19
CA ASP B 161 25.35 -8.38 -15.95
C ASP B 161 24.87 -9.17 -17.17
N GLY B 162 23.79 -8.69 -17.77
CA GLY B 162 23.29 -9.22 -19.01
C GLY B 162 22.28 -10.33 -18.85
N LYS B 163 22.06 -10.74 -17.60
CA LYS B 163 21.12 -11.81 -17.25
C LYS B 163 19.73 -11.24 -16.87
N LEU B 164 18.64 -11.82 -17.39
CA LEU B 164 17.30 -11.40 -17.00
C LEU B 164 17.00 -11.92 -15.60
N LYS B 165 16.49 -11.05 -14.74
CA LYS B 165 16.02 -11.48 -13.43
C LYS B 165 14.76 -10.72 -13.06
N ILE B 166 13.89 -11.37 -12.28
CA ILE B 166 12.70 -10.69 -11.73
C ILE B 166 12.98 -10.26 -10.28
N VAL B 167 12.81 -8.97 -9.98
CA VAL B 167 13.07 -8.48 -8.63
C VAL B 167 11.90 -7.64 -8.13
N GLN B 168 11.66 -7.67 -6.83
CA GLN B 168 10.53 -6.93 -6.28
C GLN B 168 11.04 -5.66 -5.60
N GLY B 169 10.34 -4.55 -5.80
CA GLY B 169 10.71 -3.31 -5.13
C GLY B 169 9.60 -2.88 -4.19
N HIS B 170 9.83 -3.00 -2.89
CA HIS B 170 8.76 -2.67 -1.93
C HIS B 170 8.66 -1.17 -1.84
N ASP B 171 7.42 -0.67 -1.73
CA ASP B 171 7.15 0.78 -1.69
C ASP B 171 7.65 1.47 -2.98
N ALA B 172 8.73 2.24 -2.90
CA ALA B 172 9.31 2.85 -4.11
C ALA B 172 10.52 2.11 -4.67
N GLY B 173 10.85 0.95 -4.11
CA GLY B 173 12.06 0.24 -4.49
C GLY B 173 12.33 0.17 -6.00
N ASN B 174 13.56 0.53 -6.39
CA ASN B 174 13.96 0.61 -7.78
C ASN B 174 15.38 0.05 -7.92
N PRO B 175 15.57 -0.93 -8.79
CA PRO B 175 16.85 -1.65 -8.93
C PRO B 175 18.04 -0.84 -9.45
N ILE B 176 17.78 0.36 -9.95
CA ILE B 176 18.87 1.27 -10.26
C ILE B 176 19.73 1.51 -9.03
N ARG B 177 19.12 1.42 -7.86
CA ARG B 177 19.88 1.61 -6.63
C ARG B 177 21.00 0.58 -6.46
N GLU B 178 20.76 -0.62 -7.01
CA GLU B 178 21.78 -1.68 -7.03
C GLU B 178 22.51 -1.73 -8.37
N SER B 179 22.47 -0.61 -9.11
CA SER B 179 23.09 -0.52 -10.42
C SER B 179 22.67 -1.64 -11.37
N LYS B 180 21.41 -2.05 -11.27
CA LYS B 180 20.82 -3.00 -12.21
C LYS B 180 19.96 -2.22 -13.23
N THR B 181 19.75 -2.79 -14.40
CA THR B 181 19.09 -2.08 -15.50
C THR B 181 17.64 -2.52 -15.65
N PRO B 182 16.70 -1.61 -15.39
CA PRO B 182 15.27 -1.93 -15.51
C PRO B 182 14.82 -2.09 -16.96
N LEU B 183 14.06 -3.14 -17.23
CA LEU B 183 13.58 -3.44 -18.57
C LEU B 183 12.06 -3.37 -18.66
N MET B 184 11.38 -3.81 -17.59
CA MET B 184 9.92 -3.87 -17.56
C MET B 184 9.51 -3.62 -16.10
N ASN B 185 8.32 -3.04 -15.88
CA ASN B 185 7.76 -3.04 -14.52
C ASN B 185 6.24 -3.13 -14.48
N ILE B 186 5.75 -3.45 -13.28
CA ILE B 186 4.33 -3.32 -13.01
C ILE B 186 4.15 -2.72 -11.62
N ASP B 187 3.20 -1.80 -11.52
CA ASP B 187 2.85 -1.13 -10.28
C ASP B 187 1.80 -1.98 -9.56
N VAL B 188 2.06 -2.37 -8.30
CA VAL B 188 1.07 -3.11 -7.54
C VAL B 188 0.62 -2.37 -6.27
N TRP B 189 0.98 -1.08 -6.18
CA TRP B 189 0.25 -0.18 -5.30
C TRP B 189 -1.23 -0.30 -5.60
N GLU B 190 -2.07 -0.27 -4.56
CA GLU B 190 -3.50 -0.44 -4.79
C GLU B 190 -4.11 0.64 -5.70
N HIS B 191 -3.59 1.86 -5.64
CA HIS B 191 -4.09 2.91 -6.53
C HIS B 191 -3.98 2.58 -8.02
N ALA B 192 -3.07 1.67 -8.37
CA ALA B 192 -2.86 1.33 -9.76
C ALA B 192 -4.05 0.55 -10.36
N TYR B 193 -4.79 -0.17 -9.51
CA TYR B 193 -5.86 -1.05 -9.97
C TYR B 193 -7.22 -0.94 -9.26
N TYR B 194 -7.24 -0.29 -8.11
CA TYR B 194 -8.44 -0.34 -7.29
C TYR B 194 -9.70 0.24 -7.96
N ILE B 195 -9.56 1.27 -8.80
CA ILE B 195 -10.75 1.86 -9.42
C ILE B 195 -11.40 0.82 -10.36
N ASP B 196 -10.56 0.04 -11.03
CA ASP B 196 -11.02 -0.88 -12.06
C ASP B 196 -11.23 -2.30 -11.59
N TYR B 197 -10.52 -2.70 -10.54
CA TYR B 197 -10.58 -4.10 -10.09
C TYR B 197 -10.82 -4.28 -8.61
N ARG B 198 -10.93 -3.17 -7.86
CA ARG B 198 -11.08 -3.25 -6.42
C ARG B 198 -10.02 -4.18 -5.82
N ASN B 199 -10.37 -5.14 -4.96
CA ASN B 199 -9.39 -6.01 -4.31
C ASN B 199 -8.79 -7.09 -5.23
N ALA B 200 -9.33 -7.22 -6.44
CA ALA B 200 -8.94 -8.31 -7.32
C ALA B 200 -7.63 -8.06 -8.07
N ARG B 201 -6.53 -8.09 -7.33
CA ARG B 201 -5.27 -7.74 -7.96
C ARG B 201 -4.89 -8.76 -9.03
N ALA B 202 -5.32 -10.01 -8.87
CA ALA B 202 -4.85 -11.00 -9.85
C ALA B 202 -5.49 -10.75 -11.22
N GLN B 203 -6.71 -10.20 -11.23
CA GLN B 203 -7.36 -9.85 -12.50
C GLN B 203 -6.61 -8.70 -13.17
N TYR B 204 -6.15 -7.76 -12.34
CA TYR B 204 -5.36 -6.63 -12.83
C TYR B 204 -4.07 -7.12 -13.47
N VAL B 205 -3.38 -8.01 -12.77
CA VAL B 205 -2.14 -8.56 -13.30
C VAL B 205 -2.40 -9.34 -14.60
N LYS B 206 -3.49 -10.08 -14.68
CA LYS B 206 -3.70 -10.80 -15.95
C LYS B 206 -3.94 -9.85 -17.14
N ASN B 207 -4.63 -8.73 -16.89
CA ASN B 207 -4.93 -7.80 -17.97
C ASN B 207 -3.72 -6.99 -18.35
N TYR B 208 -2.78 -6.87 -17.42
CA TYR B 208 -1.55 -6.16 -17.70
C TYR B 208 -0.83 -6.75 -18.92
N TRP B 209 -0.90 -8.07 -19.09
CA TRP B 209 -0.28 -8.74 -20.23
C TRP B 209 -0.84 -8.27 -21.57
N ASN B 210 -2.08 -7.79 -21.58
CA ASN B 210 -2.68 -7.24 -22.80
C ASN B 210 -2.20 -5.84 -23.16
N LEU B 211 -1.41 -5.24 -22.27
CA LEU B 211 -1.01 -3.86 -22.44
C LEU B 211 0.50 -3.69 -22.66
N VAL B 212 1.28 -4.72 -22.37
CA VAL B 212 2.74 -4.54 -22.34
C VAL B 212 3.28 -4.02 -23.67
N ASN B 213 4.06 -2.94 -23.59
CA ASN B 213 4.67 -2.26 -24.74
C ASN B 213 6.03 -2.88 -24.99
N TRP B 214 6.08 -3.93 -25.80
CA TRP B 214 7.32 -4.66 -26.03
C TRP B 214 8.38 -3.84 -26.76
N ASP B 215 7.93 -2.84 -27.50
CA ASP B 215 8.83 -1.94 -28.18
C ASP B 215 9.67 -1.20 -27.15
N PHE B 216 8.99 -0.70 -26.12
CA PHE B 216 9.64 0.02 -25.03
C PHE B 216 10.60 -0.92 -24.32
N VAL B 217 10.14 -2.15 -24.05
CA VAL B 217 11.02 -3.13 -23.42
C VAL B 217 12.24 -3.46 -24.31
N ASN B 218 12.03 -3.63 -25.61
CA ASN B 218 13.17 -3.88 -26.52
C ASN B 218 14.12 -2.70 -26.62
N ASP B 219 13.57 -1.49 -26.56
CA ASP B 219 14.39 -0.29 -26.50
C ASP B 219 15.31 -0.27 -25.28
N ASN B 220 14.77 -0.64 -24.13
CA ASN B 220 15.55 -0.79 -22.93
C ASN B 220 16.65 -1.85 -23.10
N VAL B 221 16.32 -2.95 -23.78
CA VAL B 221 17.28 -4.03 -24.05
C VAL B 221 18.41 -3.52 -24.96
N ALA B 222 18.02 -2.77 -25.99
CA ALA B 222 19.00 -2.19 -26.92
C ALA B 222 19.99 -1.25 -26.21
N LYS B 223 19.45 -0.33 -25.43
CA LYS B 223 20.25 0.63 -24.65
C LYS B 223 21.19 -0.04 -23.63
N ALA B 224 20.77 -1.17 -23.07
CA ALA B 224 21.59 -1.88 -22.11
C ALA B 224 22.74 -2.64 -22.79
N GLY B 225 22.61 -2.83 -24.10
CA GLY B 225 23.59 -3.56 -24.89
C GLY B 225 23.63 -5.05 -24.62
N ILE B 226 22.50 -5.63 -24.24
CA ILE B 226 22.46 -7.05 -23.84
C ILE B 226 21.82 -7.94 -24.90
FE FE C . -7.37 -2.44 5.49
FE FE D . 1.47 4.16 -8.84
#